data_5HAW
#
_entry.id   5HAW
#
_cell.length_a   69.585
_cell.length_b   69.585
_cell.length_c   249.795
_cell.angle_alpha   90.000
_cell.angle_beta   90.000
_cell.angle_gamma   120.000
#
_symmetry.space_group_name_H-M   'P 31 2 1'
#
loop_
_entity.id
_entity.type
_entity.pdbx_description
1 polymer 'Nucleoid occlusion factor SlmA'
2 polymer "DNA (5'-D(*GP*TP*GP*AP*GP*TP*AP*CP*TP*CP*AP*C)-3')"
3 polymer 'FtsZ CTT'
4 water water
#
loop_
_entity_poly.entity_id
_entity_poly.type
_entity_poly.pdbx_seq_one_letter_code
_entity_poly.pdbx_strand_id
1 'polypeptide(L)'
;AEKQAKINRREEILQALAEMLESNEGASRITTAKLAKQVGVSEAALYRHFPSKTRMFEGLIEFIEESLMSRINRIFDEEK
DTLNRIRLVMQLLLAFAERNPGLTRILSGHALMFENERLRDRINQLFERIETSLRQILRERKLREGKSFPVDENILAAQL
LGQVEGSLNRFVRSDFKYLPTANFDEYWALLSAQIK
;
A,B
2 'polydeoxyribonucleotide' (DG)(DT)(DG)(DA)(DG)(DT)(DA)(DC)(DT)(DC)(DA)(DC) Z
3 'polypeptide(L)' DYLDIPAFLR L,K
#
# COMPACT_ATOMS: atom_id res chain seq x y z
N ILE A 7 -13.33 14.41 25.60
CA ILE A 7 -14.78 14.28 25.61
C ILE A 7 -15.45 15.37 24.78
N ASN A 8 -14.95 16.61 24.92
CA ASN A 8 -15.50 17.74 24.19
C ASN A 8 -14.43 18.47 23.40
N ARG A 9 -13.52 19.14 24.11
CA ARG A 9 -12.44 19.84 23.43
C ARG A 9 -11.44 18.84 22.88
N ARG A 10 -11.27 17.72 23.60
CA ARG A 10 -10.37 16.66 23.18
C ARG A 10 -10.92 16.05 21.88
N GLU A 11 -12.23 15.91 21.80
CA GLU A 11 -12.87 15.33 20.63
C GLU A 11 -12.83 16.31 19.46
N GLU A 12 -13.04 17.59 19.75
CA GLU A 12 -12.93 18.62 18.72
C GLU A 12 -11.57 18.61 18.04
N ILE A 13 -10.51 18.39 18.82
CA ILE A 13 -9.16 18.34 18.28
C ILE A 13 -8.99 17.11 17.36
N LEU A 14 -9.46 15.97 17.81
CA LEU A 14 -9.37 14.74 17.02
C LEU A 14 -10.18 14.84 15.75
N GLN A 15 -11.35 15.49 15.83
CA GLN A 15 -12.18 15.66 14.65
C GLN A 15 -11.49 16.63 13.68
N ALA A 16 -10.78 17.62 14.22
CA ALA A 16 -10.06 18.55 13.35
C ALA A 16 -8.90 17.84 12.65
N LEU A 17 -8.21 16.97 13.36
CA LEU A 17 -7.11 16.20 12.80
C LEU A 17 -7.62 15.30 11.67
N ALA A 18 -8.71 14.59 11.92
CA ALA A 18 -9.28 13.71 10.88
C ALA A 18 -9.77 14.50 9.67
N GLU A 19 -10.29 15.70 9.88
CA GLU A 19 -10.70 16.56 8.78
C GLU A 19 -9.52 16.93 7.89
N MET A 20 -8.38 17.25 8.49
CA MET A 20 -7.20 17.61 7.74
C MET A 20 -6.63 16.40 6.99
N LEU A 21 -6.62 15.26 7.66
CA LEU A 21 -6.14 14.01 7.05
C LEU A 21 -6.93 13.71 5.78
N GLU A 22 -8.18 14.13 5.77
CA GLU A 22 -9.12 13.81 4.70
C GLU A 22 -8.98 14.77 3.51
N SER A 23 -8.45 15.97 3.77
CA SER A 23 -8.27 16.95 2.71
C SER A 23 -6.89 16.86 2.07
N ASN A 24 -6.57 17.80 1.19
CA ASN A 24 -5.26 17.86 0.56
C ASN A 24 -4.13 18.01 1.57
N GLU A 25 -4.41 18.65 2.69
CA GLU A 25 -3.42 18.86 3.74
C GLU A 25 -2.89 17.53 4.27
N GLY A 26 -3.70 16.49 4.15
CA GLY A 26 -3.32 15.16 4.59
C GLY A 26 -2.13 14.56 3.85
N ALA A 27 -1.74 15.17 2.75
CA ALA A 27 -0.60 14.68 1.97
C ALA A 27 0.71 15.24 2.52
N SER A 28 0.59 16.15 3.48
CA SER A 28 1.74 16.84 4.05
C SER A 28 1.73 16.77 5.58
N ARG A 29 2.84 17.17 6.18
CA ARG A 29 2.91 17.21 7.64
C ARG A 29 1.78 18.06 8.18
N ILE A 30 1.05 17.52 9.15
CA ILE A 30 0.09 18.33 9.86
C ILE A 30 0.78 18.92 11.10
N THR A 31 1.20 20.16 10.97
CA THR A 31 1.96 20.83 12.04
C THR A 31 1.02 21.29 13.14
N THR A 32 1.58 21.60 14.33
CA THR A 32 0.73 22.08 15.40
C THR A 32 0.13 23.42 14.99
N ALA A 33 0.87 24.20 14.22
CA ALA A 33 0.37 25.50 13.77
C ALA A 33 -0.87 25.34 12.87
N LYS A 34 -0.82 24.42 11.93
CA LYS A 34 -1.97 24.21 11.04
C LYS A 34 -3.12 23.56 11.79
N LEU A 35 -2.82 22.60 12.66
CA LEU A 35 -3.86 21.94 13.43
C LEU A 35 -4.60 22.92 14.33
N ALA A 36 -3.85 23.75 15.05
CA ALA A 36 -4.46 24.74 15.92
C ALA A 36 -5.40 25.64 15.14
N LYS A 37 -4.95 26.10 13.98
CA LYS A 37 -5.76 26.98 13.14
C LYS A 37 -7.04 26.29 12.66
N GLN A 38 -6.95 24.98 12.42
CA GLN A 38 -8.12 24.22 11.98
C GLN A 38 -9.10 24.12 13.12
N VAL A 39 -8.59 23.96 14.34
CA VAL A 39 -9.44 23.84 15.52
C VAL A 39 -9.97 25.21 15.95
N GLY A 40 -9.29 26.26 15.57
CA GLY A 40 -9.66 27.61 15.96
C GLY A 40 -9.16 28.02 17.34
N VAL A 41 -8.04 27.44 17.75
CA VAL A 41 -7.44 27.79 19.03
C VAL A 41 -5.95 28.02 18.86
N SER A 42 -5.28 28.40 19.94
CA SER A 42 -3.84 28.59 19.90
C SER A 42 -3.16 27.22 19.97
N GLU A 43 -1.91 27.16 19.52
CA GLU A 43 -1.13 25.94 19.68
C GLU A 43 -1.12 25.49 21.15
N ALA A 44 -1.00 26.44 22.07
CA ALA A 44 -0.90 26.09 23.47
C ALA A 44 -2.14 25.37 24.01
N ALA A 45 -3.32 25.76 23.53
CA ALA A 45 -4.57 25.11 23.92
C ALA A 45 -4.57 23.61 23.58
N LEU A 46 -3.91 23.23 22.49
CA LEU A 46 -3.88 21.82 22.11
C LEU A 46 -3.28 20.99 23.24
N TYR A 47 -2.24 21.54 23.85
CA TYR A 47 -1.44 20.87 24.88
C TYR A 47 -2.10 20.81 26.26
N ARG A 48 -3.25 21.45 26.41
CA ARG A 48 -4.06 21.31 27.61
C ARG A 48 -4.88 20.03 27.55
N HIS A 49 -5.02 19.47 26.35
CA HIS A 49 -5.85 18.28 26.19
C HIS A 49 -5.04 17.06 25.76
N PHE A 50 -3.85 17.30 25.23
CA PHE A 50 -2.94 16.22 24.84
C PHE A 50 -1.53 16.59 25.22
N PRO A 51 -0.75 15.61 25.69
CA PRO A 51 0.67 15.80 26.02
C PRO A 51 1.53 16.02 24.78
N SER A 52 1.09 15.51 23.63
CA SER A 52 1.92 15.57 22.42
C SER A 52 1.07 15.28 21.18
N LYS A 53 1.59 15.67 20.02
CA LYS A 53 0.88 15.39 18.78
C LYS A 53 0.81 13.87 18.55
N THR A 54 1.86 13.15 18.92
CA THR A 54 1.82 11.69 18.81
C THR A 54 0.60 11.10 19.51
N ARG A 55 0.23 11.67 20.66
CA ARG A 55 -0.93 11.21 21.40
C ARG A 55 -2.26 11.52 20.72
N MET A 56 -2.31 12.60 19.95
CA MET A 56 -3.48 12.89 19.13
C MET A 56 -3.66 11.80 18.07
N PHE A 57 -2.57 11.42 17.41
CA PHE A 57 -2.65 10.34 16.43
C PHE A 57 -3.05 9.02 17.07
N GLU A 58 -2.52 8.77 18.27
CA GLU A 58 -2.89 7.57 19.02
C GLU A 58 -4.38 7.54 19.30
N GLY A 59 -4.99 8.70 19.48
CA GLY A 59 -6.43 8.77 19.67
C GLY A 59 -7.15 8.21 18.45
N LEU A 60 -6.69 8.61 17.27
CA LEU A 60 -7.30 8.11 16.03
C LEU A 60 -7.02 6.63 15.86
N ILE A 61 -5.81 6.21 16.18
CA ILE A 61 -5.45 4.80 16.04
C ILE A 61 -6.31 3.91 16.96
N GLU A 62 -6.58 4.39 18.17
CA GLU A 62 -7.41 3.64 19.11
C GLU A 62 -8.84 3.44 18.55
N PHE A 63 -9.37 4.45 17.87
CA PHE A 63 -10.68 4.35 17.22
C PHE A 63 -10.68 3.29 16.12
N ILE A 64 -9.64 3.30 15.29
CA ILE A 64 -9.49 2.34 14.21
C ILE A 64 -9.41 0.91 14.74
N GLU A 65 -8.57 0.72 15.75
CA GLU A 65 -8.38 -0.58 16.37
C GLU A 65 -9.67 -1.10 16.94
N GLU A 66 -10.32 -0.30 17.77
CA GLU A 66 -11.53 -0.74 18.46
C GLU A 66 -12.68 -0.92 17.46
N SER A 67 -12.80 0.01 16.53
CA SER A 67 -13.87 -0.06 15.54
C SER A 67 -13.79 -1.34 14.75
N LEU A 68 -12.59 -1.66 14.27
CA LEU A 68 -12.41 -2.81 13.40
C LEU A 68 -12.40 -4.13 14.17
N MET A 69 -11.64 -4.20 15.27
CA MET A 69 -11.53 -5.48 15.94
C MET A 69 -12.79 -5.92 16.68
N SER A 70 -13.57 -4.99 17.22
CA SER A 70 -14.82 -5.37 17.87
C SER A 70 -15.80 -5.97 16.85
N ARG A 71 -15.81 -5.44 15.63
CA ARG A 71 -16.69 -5.92 14.58
C ARG A 71 -16.22 -7.24 13.96
N ILE A 72 -14.91 -7.39 13.80
CA ILE A 72 -14.34 -8.65 13.35
C ILE A 72 -14.61 -9.78 14.35
N ASN A 73 -14.46 -9.50 15.65
CA ASN A 73 -14.78 -10.48 16.66
C ASN A 73 -16.25 -10.86 16.65
N ARG A 74 -17.11 -9.86 16.40
CA ARG A 74 -18.55 -10.09 16.31
C ARG A 74 -18.90 -10.97 15.12
N ILE A 75 -18.27 -10.71 13.98
CA ILE A 75 -18.46 -11.56 12.79
C ILE A 75 -18.03 -12.98 13.12
N PHE A 76 -16.85 -13.11 13.69
CA PHE A 76 -16.32 -14.41 14.07
C PHE A 76 -17.28 -15.17 15.00
N ASP A 77 -17.81 -14.48 16.01
CA ASP A 77 -18.68 -15.12 16.99
C ASP A 77 -20.12 -15.32 16.55
N GLU A 78 -20.62 -14.48 15.65
CA GLU A 78 -22.04 -14.47 15.35
C GLU A 78 -22.40 -15.06 13.97
N GLU A 79 -21.48 -14.99 13.04
CA GLU A 79 -21.69 -15.60 11.71
C GLU A 79 -21.01 -16.97 11.67
N LYS A 80 -21.72 -17.96 11.14
CA LYS A 80 -21.30 -19.35 11.25
C LYS A 80 -20.45 -19.88 10.09
N ASP A 81 -20.75 -19.44 8.88
CA ASP A 81 -20.14 -20.02 7.68
C ASP A 81 -18.76 -19.44 7.40
N THR A 82 -17.83 -20.29 6.95
CA THR A 82 -16.47 -19.86 6.62
C THR A 82 -16.41 -18.75 5.57
N LEU A 83 -16.91 -19.03 4.36
CA LEU A 83 -16.86 -18.04 3.28
C LEU A 83 -17.62 -16.79 3.66
N ASN A 84 -18.78 -16.97 4.28
CA ASN A 84 -19.54 -15.84 4.77
C ASN A 84 -18.73 -14.93 5.72
N ARG A 85 -18.00 -15.54 6.65
CA ARG A 85 -17.18 -14.80 7.61
C ARG A 85 -16.08 -14.00 6.93
N ILE A 86 -15.39 -14.65 5.99
CA ILE A 86 -14.33 -13.99 5.23
C ILE A 86 -14.88 -12.81 4.43
N ARG A 87 -15.99 -13.02 3.73
CA ARG A 87 -16.57 -11.94 2.94
C ARG A 87 -16.87 -10.71 3.80
N LEU A 88 -17.47 -10.93 4.96
CA LEU A 88 -17.85 -9.85 5.86
C LEU A 88 -16.64 -9.11 6.43
N VAL A 89 -15.59 -9.84 6.76
CA VAL A 89 -14.40 -9.21 7.33
C VAL A 89 -13.74 -8.37 6.23
N MET A 90 -13.66 -8.91 5.01
CA MET A 90 -13.08 -8.17 3.90
C MET A 90 -13.89 -6.93 3.59
N GLN A 91 -15.20 -7.09 3.50
CA GLN A 91 -16.07 -5.97 3.14
C GLN A 91 -16.09 -4.91 4.23
N LEU A 92 -16.03 -5.34 5.48
CA LEU A 92 -15.90 -4.41 6.61
C LEU A 92 -14.66 -3.51 6.47
N LEU A 93 -13.50 -4.11 6.20
CA LEU A 93 -12.26 -3.36 6.06
C LEU A 93 -12.33 -2.36 4.92
N LEU A 94 -12.84 -2.80 3.77
CA LEU A 94 -12.87 -1.93 2.60
C LEU A 94 -13.87 -0.80 2.78
N ALA A 95 -15.04 -1.12 3.32
CA ALA A 95 -16.08 -0.12 3.56
C ALA A 95 -15.68 0.86 4.68
N PHE A 96 -14.98 0.37 5.68
CA PHE A 96 -14.51 1.25 6.76
C PHE A 96 -13.56 2.28 6.15
N ALA A 97 -12.68 1.81 5.27
CA ALA A 97 -11.71 2.71 4.65
C ALA A 97 -12.42 3.74 3.79
N GLU A 98 -13.38 3.28 2.99
CA GLU A 98 -14.10 4.17 2.09
C GLU A 98 -14.90 5.26 2.84
N ARG A 99 -15.47 4.87 3.98
CA ARG A 99 -16.23 5.80 4.82
C ARG A 99 -15.33 6.75 5.63
N ASN A 100 -14.05 6.37 5.78
CA ASN A 100 -13.09 7.16 6.59
C ASN A 100 -11.78 7.42 5.85
N PRO A 101 -11.81 8.23 4.77
CA PRO A 101 -10.64 8.48 3.93
C PRO A 101 -9.41 8.94 4.73
N GLY A 102 -9.59 9.96 5.57
CA GLY A 102 -8.50 10.46 6.40
C GLY A 102 -7.85 9.39 7.24
N LEU A 103 -8.66 8.58 7.90
CA LEU A 103 -8.13 7.49 8.74
C LEU A 103 -7.42 6.44 7.89
N THR A 104 -7.81 6.31 6.62
CA THR A 104 -7.13 5.36 5.74
C THR A 104 -5.68 5.77 5.49
N ARG A 105 -5.44 7.08 5.47
CA ARG A 105 -4.07 7.58 5.35
C ARG A 105 -3.22 7.16 6.56
N ILE A 106 -3.88 6.90 7.70
CA ILE A 106 -3.18 6.34 8.85
C ILE A 106 -2.97 4.84 8.71
N LEU A 107 -4.03 4.12 8.33
CA LEU A 107 -3.95 2.69 8.04
C LEU A 107 -2.89 2.35 6.98
N SER A 108 -2.79 3.16 5.94
CA SER A 108 -1.82 2.92 4.88
C SER A 108 -0.39 3.29 5.31
N GLY A 109 -0.27 4.02 6.41
CA GLY A 109 1.03 4.39 6.91
C GLY A 109 1.58 5.70 6.39
N HIS A 110 0.96 6.25 5.35
CA HIS A 110 1.48 7.48 4.75
C HIS A 110 1.45 8.69 5.69
N ALA A 111 0.33 8.87 6.38
CA ALA A 111 0.19 10.03 7.27
C ALA A 111 1.11 9.90 8.50
N LEU A 112 1.46 8.66 8.81
CA LEU A 112 2.29 8.40 9.99
C LEU A 112 3.77 8.63 9.73
N MET A 113 4.16 8.74 8.46
CA MET A 113 5.56 9.01 8.13
C MET A 113 6.07 10.26 8.82
N PHE A 114 5.17 11.19 9.11
CA PHE A 114 5.55 12.47 9.68
C PHE A 114 5.64 12.40 11.21
N GLU A 115 5.29 11.25 11.77
CA GLU A 115 5.18 11.11 13.22
C GLU A 115 6.06 9.98 13.74
N ASN A 116 6.18 9.88 15.04
CA ASN A 116 7.07 8.91 15.65
C ASN A 116 6.77 7.47 15.19
N GLU A 117 7.82 6.72 14.88
CA GLU A 117 7.65 5.42 14.25
C GLU A 117 6.89 4.39 15.09
N ARG A 118 6.77 4.64 16.39
CA ARG A 118 6.02 3.71 17.22
C ARG A 118 4.54 3.64 16.82
N LEU A 119 4.06 4.67 16.14
CA LEU A 119 2.67 4.68 15.69
C LEU A 119 2.45 3.73 14.53
N ARG A 120 3.46 3.60 13.67
CA ARG A 120 3.41 2.63 12.56
C ARG A 120 3.53 1.21 13.13
N ASP A 121 4.27 1.08 14.23
CA ASP A 121 4.33 -0.20 14.94
C ASP A 121 2.95 -0.63 15.40
N ARG A 122 2.18 0.32 15.93
CA ARG A 122 0.81 0.04 16.38
C ARG A 122 -0.07 -0.40 15.21
N ILE A 123 0.10 0.24 14.06
CA ILE A 123 -0.67 -0.17 12.89
C ILE A 123 -0.27 -1.58 12.43
N ASN A 124 1.02 -1.88 12.46
CA ASN A 124 1.47 -3.25 12.18
C ASN A 124 0.84 -4.28 13.10
N GLN A 125 0.68 -3.92 14.37
CA GLN A 125 0.06 -4.82 15.33
C GLN A 125 -1.42 -5.04 15.01
N LEU A 126 -2.09 -4.02 14.49
CA LEU A 126 -3.49 -4.17 14.09
C LEU A 126 -3.62 -5.12 12.89
N PHE A 127 -2.77 -4.94 11.88
CA PHE A 127 -2.81 -5.83 10.72
C PHE A 127 -2.52 -7.28 11.09
N GLU A 128 -1.60 -7.49 12.02
CA GLU A 128 -1.33 -8.82 12.51
C GLU A 128 -2.55 -9.42 13.22
N ARG A 129 -3.25 -8.60 14.00
CA ARG A 129 -4.51 -9.06 14.61
C ARG A 129 -5.57 -9.45 13.57
N ILE A 130 -5.68 -8.65 12.51
CA ILE A 130 -6.63 -8.94 11.44
C ILE A 130 -6.22 -10.22 10.73
N GLU A 131 -4.94 -10.34 10.41
CA GLU A 131 -4.48 -11.54 9.72
C GLU A 131 -4.71 -12.78 10.59
N THR A 132 -4.52 -12.64 11.90
CA THR A 132 -4.80 -13.73 12.82
C THR A 132 -6.26 -14.16 12.74
N SER A 133 -7.17 -13.20 12.73
CA SER A 133 -8.60 -13.52 12.61
C SER A 133 -8.89 -14.30 11.33
N LEU A 134 -8.31 -13.85 10.23
CA LEU A 134 -8.46 -14.48 8.93
C LEU A 134 -8.00 -15.93 8.97
N ARG A 135 -6.82 -16.16 9.56
CA ARG A 135 -6.27 -17.51 9.66
C ARG A 135 -7.20 -18.41 10.48
N GLN A 136 -7.68 -17.89 11.60
CA GLN A 136 -8.56 -18.65 12.48
C GLN A 136 -9.86 -19.02 11.79
N ILE A 137 -10.43 -18.07 11.05
CA ILE A 137 -11.64 -18.34 10.29
C ILE A 137 -11.41 -19.47 9.30
N LEU A 138 -10.32 -19.38 8.54
CA LEU A 138 -9.99 -20.40 7.55
C LEU A 138 -9.72 -21.78 8.16
N ARG A 139 -9.03 -21.82 9.29
CA ARG A 139 -8.69 -23.09 9.92
C ARG A 139 -9.91 -23.85 10.43
N GLU A 140 -11.01 -23.14 10.68
CA GLU A 140 -12.22 -23.76 11.21
C GLU A 140 -13.03 -24.48 10.15
N ARG A 141 -12.66 -24.33 8.88
CA ARG A 141 -13.37 -25.04 7.83
C ARG A 141 -13.09 -26.54 7.92
N LYS A 142 -11.88 -26.87 8.35
CA LYS A 142 -11.47 -28.28 8.49
C LYS A 142 -12.37 -29.01 9.48
N LYS A 147 -13.77 -30.17 5.15
CA LYS A 147 -13.20 -29.91 3.83
C LYS A 147 -11.92 -29.08 3.94
N SER A 148 -11.01 -29.29 3.00
CA SER A 148 -9.74 -28.58 2.98
C SER A 148 -9.69 -27.54 1.87
N PHE A 149 -8.85 -26.52 2.04
CA PHE A 149 -8.64 -25.51 1.01
C PHE A 149 -7.60 -25.98 0.00
N PRO A 150 -7.70 -25.48 -1.24
CA PRO A 150 -6.70 -25.79 -2.27
C PRO A 150 -5.39 -25.10 -1.95
N VAL A 151 -5.35 -24.41 -0.82
CA VAL A 151 -4.18 -23.63 -0.43
C VAL A 151 -4.02 -23.57 1.09
N ASP A 152 -2.78 -23.44 1.53
CA ASP A 152 -2.45 -23.22 2.94
C ASP A 152 -3.28 -22.07 3.51
N GLU A 153 -3.78 -22.25 4.73
CA GLU A 153 -4.56 -21.22 5.42
C GLU A 153 -3.76 -19.94 5.65
N ASN A 154 -2.50 -20.08 6.07
CA ASN A 154 -1.65 -18.92 6.28
C ASN A 154 -1.42 -18.17 4.97
N ILE A 155 -1.24 -18.91 3.90
CA ILE A 155 -1.00 -18.32 2.60
C ILE A 155 -2.24 -17.56 2.10
N LEU A 156 -3.41 -18.18 2.24
CA LEU A 156 -4.64 -17.54 1.78
C LEU A 156 -4.92 -16.27 2.58
N ALA A 157 -4.77 -16.35 3.90
CA ALA A 157 -5.01 -15.21 4.77
C ALA A 157 -4.14 -14.03 4.35
N ALA A 158 -2.88 -14.31 4.08
CA ALA A 158 -1.94 -13.27 3.63
C ALA A 158 -2.33 -12.69 2.28
N GLN A 159 -2.83 -13.53 1.37
CA GLN A 159 -3.27 -13.05 0.06
C GLN A 159 -4.47 -12.13 0.20
N LEU A 160 -5.45 -12.56 1.00
CA LEU A 160 -6.66 -11.79 1.27
C LEU A 160 -6.37 -10.40 1.85
N LEU A 161 -5.53 -10.37 2.88
CA LEU A 161 -5.19 -9.08 3.50
C LEU A 161 -4.34 -8.23 2.55
N GLY A 162 -3.50 -8.89 1.77
CA GLY A 162 -2.72 -8.21 0.74
C GLY A 162 -3.59 -7.48 -0.27
N GLN A 163 -4.67 -8.13 -0.71
CA GLN A 163 -5.61 -7.48 -1.62
C GLN A 163 -6.24 -6.24 -0.95
N VAL A 164 -6.66 -6.36 0.31
CA VAL A 164 -7.17 -5.23 1.06
C VAL A 164 -6.12 -4.11 1.16
N GLU A 165 -4.89 -4.45 1.53
CA GLU A 165 -3.85 -3.45 1.69
C GLU A 165 -3.59 -2.70 0.39
N GLY A 166 -3.65 -3.42 -0.73
CA GLY A 166 -3.38 -2.80 -2.00
C GLY A 166 -4.51 -1.86 -2.37
N SER A 167 -5.74 -2.28 -2.07
CA SER A 167 -6.90 -1.44 -2.29
C SER A 167 -6.82 -0.16 -1.46
N LEU A 168 -6.35 -0.27 -0.23
CA LEU A 168 -6.23 0.92 0.62
C LEU A 168 -5.19 1.85 0.07
N ASN A 169 -4.06 1.27 -0.33
CA ASN A 169 -2.99 2.05 -0.93
C ASN A 169 -3.43 2.77 -2.19
N ARG A 170 -4.20 2.10 -3.04
CA ARG A 170 -4.69 2.69 -4.28
C ARG A 170 -5.66 3.84 -3.99
N PHE A 171 -6.51 3.64 -2.99
CA PHE A 171 -7.46 4.67 -2.53
C PHE A 171 -6.71 5.93 -2.11
N VAL A 172 -5.67 5.77 -1.30
CA VAL A 172 -4.90 6.91 -0.79
C VAL A 172 -4.08 7.61 -1.88
N ARG A 173 -3.37 6.84 -2.69
CA ARG A 173 -2.48 7.47 -3.67
C ARG A 173 -3.27 8.13 -4.80
N SER A 174 -4.52 7.70 -5.02
CA SER A 174 -5.36 8.30 -6.05
C SER A 174 -6.14 9.51 -5.56
N ASP A 175 -5.76 10.03 -4.40
CA ASP A 175 -6.53 11.08 -3.74
C ASP A 175 -8.00 10.68 -3.56
N PHE A 176 -8.20 9.41 -3.19
CA PHE A 176 -9.51 8.87 -2.84
C PHE A 176 -10.42 8.72 -4.05
N LYS A 177 -9.85 8.63 -5.23
CA LYS A 177 -10.62 8.40 -6.45
C LYS A 177 -10.95 6.92 -6.63
N TYR A 178 -9.95 6.07 -6.41
CA TYR A 178 -10.14 4.62 -6.57
C TYR A 178 -10.77 4.01 -5.34
N LEU A 179 -12.10 3.84 -5.36
CA LEU A 179 -12.82 3.40 -4.17
C LEU A 179 -12.53 1.93 -3.83
N PRO A 180 -12.23 1.65 -2.56
CA PRO A 180 -11.80 0.32 -2.14
C PRO A 180 -12.86 -0.75 -2.31
N THR A 181 -14.14 -0.38 -2.24
CA THR A 181 -15.20 -1.39 -2.36
C THR A 181 -15.61 -1.66 -3.79
N ALA A 182 -15.18 -0.81 -4.73
CA ALA A 182 -15.71 -0.82 -6.09
C ALA A 182 -15.60 -2.17 -6.77
N ASN A 183 -14.46 -2.82 -6.64
CA ASN A 183 -14.29 -4.07 -7.37
C ASN A 183 -14.38 -5.31 -6.49
N PHE A 184 -14.82 -5.14 -5.25
CA PHE A 184 -14.79 -6.26 -4.31
C PHE A 184 -15.73 -7.41 -4.68
N ASP A 185 -16.93 -7.08 -5.16
CA ASP A 185 -17.87 -8.12 -5.53
C ASP A 185 -17.33 -9.02 -6.65
N GLU A 186 -16.71 -8.43 -7.66
CA GLU A 186 -16.08 -9.20 -8.72
C GLU A 186 -14.91 -10.02 -8.19
N TYR A 187 -14.07 -9.39 -7.37
CA TYR A 187 -12.97 -10.09 -6.74
C TYR A 187 -13.46 -11.32 -5.97
N TRP A 188 -14.50 -11.15 -5.18
CA TRP A 188 -15.02 -12.21 -4.33
C TRP A 188 -15.75 -13.29 -5.15
N ALA A 189 -16.45 -12.89 -6.19
CA ALA A 189 -17.11 -13.85 -7.08
C ALA A 189 -16.07 -14.80 -7.67
N LEU A 190 -14.97 -14.23 -8.16
CA LEU A 190 -13.90 -15.00 -8.79
C LEU A 190 -13.28 -15.97 -7.80
N LEU A 191 -12.91 -15.45 -6.64
CA LEU A 191 -12.23 -16.24 -5.64
C LEU A 191 -13.13 -17.32 -5.04
N SER A 192 -14.34 -16.93 -4.64
CA SER A 192 -15.23 -17.86 -3.95
C SER A 192 -15.61 -19.07 -4.80
N ALA A 193 -15.63 -18.90 -6.12
CA ALA A 193 -15.93 -20.01 -7.03
C ALA A 193 -14.85 -21.08 -6.96
N GLN A 194 -13.67 -20.71 -6.45
CA GLN A 194 -12.56 -21.64 -6.41
C GLN A 194 -12.24 -22.16 -5.01
N ILE A 195 -12.48 -21.36 -3.98
CA ILE A 195 -12.26 -21.87 -2.63
C ILE A 195 -13.50 -22.56 -2.10
N LYS A 196 -14.38 -22.90 -3.05
CA LYS A 196 -15.42 -23.90 -2.84
C LYS A 196 -16.40 -23.49 -1.76
N ASN B 8 29.72 11.02 -12.90
CA ASN B 8 30.37 10.04 -12.04
C ASN B 8 30.02 10.26 -10.58
N ARG B 9 30.07 11.51 -10.15
CA ARG B 9 29.68 11.88 -8.79
C ARG B 9 28.16 11.87 -8.65
N ARG B 10 27.48 12.16 -9.76
CA ARG B 10 26.02 12.14 -9.79
C ARG B 10 25.47 10.76 -9.42
N GLU B 11 26.06 9.72 -10.00
CA GLU B 11 25.60 8.36 -9.71
C GLU B 11 26.04 7.88 -8.33
N GLU B 12 27.08 8.52 -7.78
CA GLU B 12 27.53 8.17 -6.44
C GLU B 12 26.56 8.75 -5.40
N ILE B 13 25.97 9.89 -5.72
CA ILE B 13 24.94 10.46 -4.88
C ILE B 13 23.69 9.61 -4.91
N LEU B 14 23.30 9.16 -6.10
CA LEU B 14 22.13 8.27 -6.24
C LEU B 14 22.34 6.94 -5.52
N GLN B 15 23.54 6.38 -5.63
CA GLN B 15 23.87 5.15 -4.93
C GLN B 15 23.75 5.33 -3.41
N ALA B 16 24.19 6.48 -2.91
CA ALA B 16 24.13 6.75 -1.49
C ALA B 16 22.68 6.86 -1.00
N LEU B 17 21.88 7.59 -1.75
CA LEU B 17 20.46 7.74 -1.43
C LEU B 17 19.75 6.39 -1.38
N ALA B 18 20.10 5.49 -2.31
CA ALA B 18 19.48 4.19 -2.35
C ALA B 18 19.91 3.30 -1.18
N GLU B 19 21.17 3.42 -0.77
CA GLU B 19 21.67 2.68 0.38
C GLU B 19 20.95 3.10 1.66
N MET B 20 20.66 4.39 1.76
CA MET B 20 19.99 4.91 2.95
C MET B 20 18.53 4.52 2.97
N LEU B 21 17.91 4.54 1.80
CA LEU B 21 16.53 4.16 1.63
C LEU B 21 16.38 2.67 1.99
N GLU B 22 17.43 1.92 1.73
CA GLU B 22 17.38 0.48 1.91
C GLU B 22 17.56 0.10 3.37
N SER B 23 18.30 0.91 4.11
CA SER B 23 18.53 0.67 5.53
C SER B 23 17.36 1.14 6.36
N ASN B 24 17.49 1.06 7.69
CA ASN B 24 16.41 1.51 8.57
C ASN B 24 16.22 3.02 8.47
N GLU B 25 17.24 3.71 7.98
CA GLU B 25 17.16 5.15 7.73
C GLU B 25 15.98 5.51 6.83
N GLY B 26 15.65 4.59 5.91
CA GLY B 26 14.60 4.85 4.93
C GLY B 26 13.22 4.99 5.52
N ALA B 27 13.07 4.64 6.79
CA ALA B 27 11.79 4.75 7.47
C ALA B 27 11.56 6.17 7.98
N SER B 28 12.59 7.02 7.85
CA SER B 28 12.46 8.43 8.26
C SER B 28 12.95 9.36 7.17
N ARG B 29 12.74 10.66 7.37
CA ARG B 29 13.26 11.66 6.45
C ARG B 29 14.75 11.43 6.20
N ILE B 30 15.15 11.42 4.94
CA ILE B 30 16.57 11.34 4.60
C ILE B 30 17.10 12.73 4.28
N THR B 31 17.75 13.35 5.27
CA THR B 31 18.17 14.73 5.15
C THR B 31 19.40 14.89 4.28
N THR B 32 19.56 16.08 3.73
CA THR B 32 20.72 16.39 2.92
C THR B 32 21.99 16.34 3.77
N ALA B 33 21.89 16.71 5.05
CA ALA B 33 23.03 16.56 5.95
C ALA B 33 23.42 15.10 6.07
N LYS B 34 22.44 14.22 6.28
CA LYS B 34 22.71 12.79 6.37
C LYS B 34 23.20 12.22 5.03
N LEU B 35 22.56 12.62 3.94
CA LEU B 35 22.97 12.15 2.63
C LEU B 35 24.42 12.57 2.34
N ALA B 36 24.71 13.85 2.56
CA ALA B 36 26.06 14.37 2.33
C ALA B 36 27.10 13.54 3.09
N LYS B 37 26.78 13.17 4.32
CA LYS B 37 27.67 12.40 5.17
C LYS B 37 27.87 10.99 4.62
N GLN B 38 26.77 10.34 4.24
CA GLN B 38 26.83 9.01 3.65
C GLN B 38 27.69 8.99 2.39
N VAL B 39 27.65 10.08 1.63
CA VAL B 39 28.43 10.20 0.40
C VAL B 39 29.90 10.49 0.72
N GLY B 40 30.11 11.34 1.72
CA GLY B 40 31.45 11.74 2.12
C GLY B 40 31.85 13.09 1.59
N VAL B 41 30.86 13.96 1.36
CA VAL B 41 31.12 15.31 0.88
C VAL B 41 30.32 16.33 1.69
N SER B 42 30.44 17.59 1.32
CA SER B 42 29.66 18.65 1.96
C SER B 42 28.31 18.73 1.29
N GLU B 43 27.33 19.31 1.97
CA GLU B 43 26.02 19.51 1.37
C GLU B 43 26.15 20.33 0.09
N ALA B 44 27.00 21.36 0.13
CA ALA B 44 27.23 22.22 -1.03
C ALA B 44 27.63 21.39 -2.24
N ALA B 45 28.49 20.41 -2.02
CA ALA B 45 28.96 19.55 -3.10
C ALA B 45 27.77 18.83 -3.73
N LEU B 46 26.87 18.33 -2.89
CA LEU B 46 25.65 17.69 -3.36
C LEU B 46 24.92 18.57 -4.36
N TYR B 47 24.79 19.85 -4.01
CA TYR B 47 24.00 20.78 -4.82
C TYR B 47 24.73 21.31 -6.05
N ARG B 48 25.88 20.71 -6.36
CA ARG B 48 26.57 21.02 -7.60
C ARG B 48 26.19 20.02 -8.68
N HIS B 49 25.55 18.92 -8.28
CA HIS B 49 25.15 17.89 -9.23
C HIS B 49 23.62 17.82 -9.39
N PHE B 50 22.90 18.13 -8.32
CA PHE B 50 21.44 18.18 -8.36
C PHE B 50 20.96 19.51 -7.80
N PRO B 51 19.95 20.11 -8.42
CA PRO B 51 19.44 21.40 -7.94
C PRO B 51 18.57 21.23 -6.70
N SER B 52 18.06 20.02 -6.47
CA SER B 52 17.17 19.79 -5.34
C SER B 52 17.15 18.34 -4.96
N LYS B 53 16.64 18.05 -3.76
CA LYS B 53 16.42 16.68 -3.33
C LYS B 53 15.48 15.97 -4.28
N THR B 54 14.45 16.69 -4.72
CA THR B 54 13.45 16.11 -5.61
C THR B 54 14.09 15.56 -6.88
N ARG B 55 15.08 16.26 -7.44
CA ARG B 55 15.76 15.79 -8.64
C ARG B 55 16.59 14.56 -8.37
N MET B 56 17.08 14.44 -7.14
CA MET B 56 17.78 13.24 -6.71
C MET B 56 16.83 12.05 -6.70
N PHE B 57 15.63 12.23 -6.15
CA PHE B 57 14.66 11.16 -6.14
C PHE B 57 14.19 10.81 -7.56
N GLU B 58 14.12 11.82 -8.42
CA GLU B 58 13.75 11.60 -9.81
C GLU B 58 14.76 10.72 -10.53
N GLY B 59 16.02 10.80 -10.10
CA GLY B 59 17.05 9.93 -10.65
C GLY B 59 16.73 8.48 -10.36
N LEU B 60 16.28 8.19 -9.14
CA LEU B 60 15.94 6.82 -8.80
C LEU B 60 14.66 6.37 -9.49
N ILE B 61 13.69 7.27 -9.59
CA ILE B 61 12.42 6.94 -10.23
C ILE B 61 12.67 6.61 -11.69
N GLU B 62 13.63 7.28 -12.32
CA GLU B 62 13.97 7.00 -13.71
C GLU B 62 14.43 5.56 -13.88
N PHE B 63 15.28 5.11 -12.96
CA PHE B 63 15.76 3.73 -12.99
C PHE B 63 14.59 2.77 -12.80
N ILE B 64 13.70 3.08 -11.87
CA ILE B 64 12.50 2.25 -11.69
C ILE B 64 11.65 2.18 -12.97
N GLU B 65 11.34 3.33 -13.56
CA GLU B 65 10.50 3.39 -14.75
C GLU B 65 11.10 2.59 -15.91
N GLU B 66 12.38 2.81 -16.18
CA GLU B 66 13.05 2.18 -17.31
C GLU B 66 13.19 0.68 -17.08
N SER B 67 13.54 0.30 -15.85
CA SER B 67 13.65 -1.11 -15.47
C SER B 67 12.35 -1.88 -15.68
N LEU B 68 11.24 -1.33 -15.19
CA LEU B 68 9.97 -2.03 -15.29
C LEU B 68 9.37 -1.97 -16.70
N MET B 69 9.32 -0.79 -17.30
CA MET B 69 8.67 -0.64 -18.60
C MET B 69 9.43 -1.37 -19.72
N SER B 70 10.76 -1.33 -19.68
CA SER B 70 11.55 -2.02 -20.70
C SER B 70 11.29 -3.52 -20.65
N ARG B 71 11.24 -4.07 -19.44
CA ARG B 71 10.97 -5.49 -19.28
C ARG B 71 9.53 -5.88 -19.58
N ILE B 72 8.57 -4.99 -19.32
CA ILE B 72 7.20 -5.28 -19.71
C ILE B 72 7.14 -5.40 -21.23
N ASN B 73 7.80 -4.48 -21.93
CA ASN B 73 7.82 -4.57 -23.40
C ASN B 73 8.47 -5.85 -23.92
N ARG B 74 9.56 -6.26 -23.28
CA ARG B 74 10.23 -7.50 -23.64
C ARG B 74 9.29 -8.70 -23.52
N ILE B 75 8.57 -8.76 -22.41
CA ILE B 75 7.61 -9.84 -22.15
C ILE B 75 6.53 -9.88 -23.22
N PHE B 76 6.01 -8.71 -23.57
CA PHE B 76 4.97 -8.60 -24.57
C PHE B 76 5.49 -9.08 -25.93
N ASP B 77 6.75 -8.79 -26.21
CA ASP B 77 7.34 -9.17 -27.49
C ASP B 77 7.81 -10.63 -27.56
N GLU B 78 8.34 -11.16 -26.46
CA GLU B 78 8.90 -12.51 -26.47
C GLU B 78 7.89 -13.61 -26.14
N GLU B 79 6.87 -13.29 -25.37
CA GLU B 79 5.89 -14.26 -24.93
C GLU B 79 4.51 -13.90 -25.44
N LYS B 80 3.86 -14.84 -26.12
CA LYS B 80 2.58 -14.59 -26.77
C LYS B 80 1.37 -15.16 -26.02
N ASP B 81 1.59 -16.11 -25.12
CA ASP B 81 0.48 -16.68 -24.35
C ASP B 81 -0.01 -15.66 -23.31
N THR B 82 -1.32 -15.46 -23.25
CA THR B 82 -1.87 -14.41 -22.38
C THR B 82 -1.61 -14.65 -20.89
N LEU B 83 -1.94 -15.83 -20.39
CA LEU B 83 -1.73 -16.10 -18.97
C LEU B 83 -0.26 -16.06 -18.60
N ASN B 84 0.62 -16.50 -19.49
CA ASN B 84 2.06 -16.48 -19.20
C ASN B 84 2.58 -15.06 -19.18
N ARG B 85 2.00 -14.21 -20.03
CA ARG B 85 2.36 -12.81 -20.03
C ARG B 85 2.02 -12.21 -18.68
N ILE B 86 0.82 -12.49 -18.20
CA ILE B 86 0.37 -11.96 -16.91
C ILE B 86 1.26 -12.43 -15.77
N ARG B 87 1.57 -13.72 -15.76
CA ARG B 87 2.41 -14.29 -14.72
C ARG B 87 3.78 -13.65 -14.69
N LEU B 88 4.35 -13.42 -15.87
CA LEU B 88 5.68 -12.81 -15.97
C LEU B 88 5.69 -11.34 -15.57
N VAL B 89 4.62 -10.61 -15.89
CA VAL B 89 4.56 -9.21 -15.49
C VAL B 89 4.39 -9.09 -13.97
N MET B 90 3.53 -9.92 -13.37
CA MET B 90 3.35 -9.85 -11.93
C MET B 90 4.63 -10.24 -11.22
N GLN B 91 5.26 -11.31 -11.71
CA GLN B 91 6.53 -11.77 -11.17
C GLN B 91 7.60 -10.69 -11.27
N LEU B 92 7.60 -9.95 -12.38
CA LEU B 92 8.56 -8.88 -12.59
C LEU B 92 8.44 -7.77 -11.55
N LEU B 93 7.22 -7.36 -11.24
CA LEU B 93 7.00 -6.24 -10.32
C LEU B 93 7.40 -6.67 -8.91
N LEU B 94 7.01 -7.89 -8.56
CA LEU B 94 7.29 -8.44 -7.24
C LEU B 94 8.80 -8.67 -7.03
N ALA B 95 9.46 -9.28 -8.01
CA ALA B 95 10.89 -9.57 -7.89
C ALA B 95 11.76 -8.33 -7.95
N PHE B 96 11.36 -7.34 -8.75
CA PHE B 96 12.09 -6.08 -8.82
C PHE B 96 12.07 -5.41 -7.45
N ALA B 97 10.92 -5.44 -6.79
CA ALA B 97 10.77 -4.83 -5.46
C ALA B 97 11.63 -5.57 -4.44
N GLU B 98 11.58 -6.89 -4.49
CA GLU B 98 12.37 -7.71 -3.59
C GLU B 98 13.87 -7.44 -3.76
N ARG B 99 14.30 -7.29 -5.00
CA ARG B 99 15.70 -7.02 -5.31
C ARG B 99 16.11 -5.58 -5.03
N ASN B 100 15.11 -4.71 -4.85
CA ASN B 100 15.37 -3.30 -4.59
C ASN B 100 14.50 -2.77 -3.44
N PRO B 101 14.78 -3.25 -2.21
CA PRO B 101 13.95 -2.87 -1.06
C PRO B 101 13.82 -1.37 -0.89
N GLY B 102 14.92 -0.65 -1.01
CA GLY B 102 14.88 0.79 -0.79
C GLY B 102 14.03 1.50 -1.82
N LEU B 103 14.15 1.08 -3.08
CA LEU B 103 13.33 1.66 -4.14
C LEU B 103 11.87 1.30 -3.94
N THR B 104 11.60 0.24 -3.18
CA THR B 104 10.22 -0.16 -2.93
C THR B 104 9.52 0.84 -2.01
N ARG B 105 10.29 1.54 -1.16
CA ARG B 105 9.74 2.59 -0.32
C ARG B 105 9.27 3.76 -1.16
N ILE B 106 9.89 3.92 -2.33
CA ILE B 106 9.48 4.93 -3.28
C ILE B 106 8.22 4.47 -4.01
N LEU B 107 8.21 3.23 -4.46
CA LEU B 107 7.04 2.69 -5.13
C LEU B 107 5.81 2.73 -4.24
N SER B 108 5.99 2.44 -2.95
CA SER B 108 4.86 2.34 -2.05
C SER B 108 4.42 3.74 -1.62
N GLY B 109 5.23 4.74 -1.93
CA GLY B 109 4.90 6.13 -1.62
C GLY B 109 5.42 6.67 -0.29
N HIS B 110 5.86 5.77 0.59
CA HIS B 110 6.24 6.15 1.97
C HIS B 110 7.46 7.07 2.05
N ALA B 111 8.49 6.75 1.28
CA ALA B 111 9.70 7.56 1.30
C ALA B 111 9.45 8.91 0.63
N LEU B 112 8.43 8.97 -0.22
CA LEU B 112 8.14 10.20 -0.96
C LEU B 112 7.31 11.20 -0.16
N MET B 113 6.73 10.76 0.97
CA MET B 113 5.95 11.65 1.83
C MET B 113 6.73 12.90 2.25
N PHE B 114 8.04 12.78 2.34
CA PHE B 114 8.90 13.89 2.77
C PHE B 114 9.28 14.86 1.65
N GLU B 115 8.91 14.52 0.42
CA GLU B 115 9.41 15.24 -0.74
C GLU B 115 8.30 15.88 -1.57
N ASN B 116 8.73 16.71 -2.51
CA ASN B 116 7.85 17.38 -3.46
C ASN B 116 6.78 16.42 -3.96
N GLU B 117 5.54 16.89 -3.95
CA GLU B 117 4.38 16.05 -4.23
C GLU B 117 4.37 15.61 -5.69
N ARG B 118 5.09 16.34 -6.54
CA ARG B 118 5.14 15.99 -7.95
C ARG B 118 5.78 14.61 -8.15
N LEU B 119 6.55 14.16 -7.16
CA LEU B 119 7.15 12.83 -7.24
C LEU B 119 6.12 11.73 -7.05
N ARG B 120 5.16 11.97 -6.16
CA ARG B 120 4.04 11.01 -6.02
C ARG B 120 3.18 10.96 -7.30
N ASP B 121 2.97 12.12 -7.93
CA ASP B 121 2.28 12.15 -9.22
C ASP B 121 3.00 11.29 -10.24
N ARG B 122 4.32 11.32 -10.19
CA ARG B 122 5.14 10.57 -11.12
C ARG B 122 4.98 9.05 -10.90
N ILE B 123 4.99 8.62 -9.65
CA ILE B 123 4.72 7.21 -9.33
C ILE B 123 3.29 6.81 -9.74
N ASN B 124 2.32 7.70 -9.55
CA ASN B 124 0.96 7.39 -10.01
C ASN B 124 0.95 7.16 -11.51
N GLN B 125 1.70 7.99 -12.24
CA GLN B 125 1.74 7.86 -13.69
C GLN B 125 2.38 6.53 -14.10
N LEU B 126 3.42 6.11 -13.39
CA LEU B 126 4.01 4.80 -13.63
C LEU B 126 3.02 3.67 -13.41
N PHE B 127 2.30 3.69 -12.29
CA PHE B 127 1.27 2.69 -12.08
C PHE B 127 0.19 2.70 -13.16
N GLU B 128 -0.16 3.87 -13.68
CA GLU B 128 -1.12 3.92 -14.81
C GLU B 128 -0.56 3.26 -16.06
N ARG B 129 0.73 3.46 -16.33
CA ARG B 129 1.36 2.85 -17.49
C ARG B 129 1.40 1.33 -17.31
N ILE B 130 1.66 0.89 -16.09
CA ILE B 130 1.64 -0.55 -15.81
C ILE B 130 0.23 -1.14 -15.92
N GLU B 131 -0.76 -0.43 -15.38
CA GLU B 131 -2.12 -0.94 -15.39
C GLU B 131 -2.68 -1.01 -16.81
N THR B 132 -2.39 -0.01 -17.65
CA THR B 132 -2.85 -0.10 -19.04
C THR B 132 -2.18 -1.25 -19.80
N SER B 133 -0.92 -1.52 -19.44
CA SER B 133 -0.20 -2.65 -20.02
C SER B 133 -0.90 -3.97 -19.73
N LEU B 134 -1.30 -4.17 -18.47
CA LEU B 134 -2.01 -5.39 -18.08
C LEU B 134 -3.35 -5.47 -18.78
N ARG B 135 -4.06 -4.36 -18.85
CA ARG B 135 -5.31 -4.29 -19.63
C ARG B 135 -5.14 -4.72 -21.08
N GLN B 136 -4.08 -4.24 -21.74
CA GLN B 136 -3.83 -4.57 -23.14
C GLN B 136 -3.51 -6.05 -23.30
N ILE B 137 -2.71 -6.57 -22.39
CA ILE B 137 -2.40 -8.00 -22.37
C ILE B 137 -3.68 -8.84 -22.23
N LEU B 138 -4.51 -8.51 -21.24
CA LEU B 138 -5.75 -9.23 -21.03
C LEU B 138 -6.67 -9.16 -22.25
N ARG B 139 -6.78 -7.98 -22.88
CA ARG B 139 -7.71 -7.83 -24.00
C ARG B 139 -7.33 -8.64 -25.24
N GLU B 140 -6.06 -8.99 -25.41
CA GLU B 140 -5.65 -9.76 -26.58
C GLU B 140 -6.07 -11.22 -26.50
N ARG B 141 -6.47 -11.69 -25.32
CA ARG B 141 -6.85 -13.09 -25.18
C ARG B 141 -8.01 -13.49 -26.11
N LYS B 142 -8.98 -12.60 -26.28
CA LYS B 142 -10.16 -12.93 -27.04
C LYS B 142 -9.81 -13.31 -28.48
N LEU B 143 -8.92 -12.55 -29.09
CA LEU B 143 -8.49 -12.82 -30.46
C LEU B 143 -7.53 -14.00 -30.53
N ARG B 144 -6.60 -14.08 -29.58
CA ARG B 144 -5.57 -15.12 -29.61
C ARG B 144 -6.12 -16.50 -29.29
N GLU B 145 -7.13 -16.57 -28.44
CA GLU B 145 -7.61 -17.85 -27.92
C GLU B 145 -9.11 -18.03 -28.08
N GLY B 146 -9.78 -16.98 -28.55
CA GLY B 146 -11.21 -17.04 -28.77
C GLY B 146 -11.99 -17.08 -27.47
N LYS B 147 -11.34 -16.64 -26.40
CA LYS B 147 -11.92 -16.68 -25.06
C LYS B 147 -11.58 -15.38 -24.33
N SER B 148 -12.43 -14.99 -23.39
CA SER B 148 -12.15 -13.78 -22.60
C SER B 148 -11.93 -14.15 -21.13
N PHE B 149 -12.65 -13.46 -20.26
CA PHE B 149 -12.53 -13.70 -18.82
C PHE B 149 -13.92 -13.63 -18.20
N PRO B 150 -14.08 -14.20 -16.99
CA PRO B 150 -15.37 -14.12 -16.32
C PRO B 150 -15.67 -12.72 -15.77
N VAL B 151 -14.68 -11.82 -15.78
CA VAL B 151 -14.95 -10.43 -15.45
C VAL B 151 -14.30 -9.49 -16.46
N ASP B 152 -14.73 -8.23 -16.46
CA ASP B 152 -14.21 -7.21 -17.36
C ASP B 152 -12.71 -7.06 -17.19
N GLU B 153 -11.99 -6.93 -18.30
CA GLU B 153 -10.54 -6.82 -18.26
C GLU B 153 -10.07 -5.65 -17.40
N ASN B 154 -10.84 -4.57 -17.39
CA ASN B 154 -10.46 -3.40 -16.59
C ASN B 154 -10.47 -3.73 -15.10
N ILE B 155 -11.44 -4.52 -14.68
CA ILE B 155 -11.53 -4.91 -13.26
C ILE B 155 -10.38 -5.85 -12.89
N LEU B 156 -10.12 -6.85 -13.72
CA LEU B 156 -9.04 -7.81 -13.46
C LEU B 156 -7.66 -7.16 -13.37
N ALA B 157 -7.37 -6.23 -14.28
CA ALA B 157 -6.08 -5.55 -14.26
C ALA B 157 -5.91 -4.75 -12.97
N ALA B 158 -6.97 -4.08 -12.53
CA ALA B 158 -6.95 -3.32 -11.28
C ALA B 158 -6.73 -4.22 -10.08
N GLN B 159 -7.37 -5.38 -10.11
CA GLN B 159 -7.28 -6.33 -9.00
C GLN B 159 -5.88 -6.92 -8.93
N LEU B 160 -5.30 -7.24 -10.09
CA LEU B 160 -3.93 -7.76 -10.16
C LEU B 160 -2.89 -6.73 -9.71
N LEU B 161 -3.00 -5.51 -10.18
CA LEU B 161 -2.04 -4.49 -9.74
C LEU B 161 -2.26 -4.19 -8.28
N GLY B 162 -3.50 -4.25 -7.83
CA GLY B 162 -3.78 -4.02 -6.42
C GLY B 162 -3.15 -5.09 -5.54
N GLN B 163 -3.17 -6.33 -6.02
CA GLN B 163 -2.55 -7.42 -5.28
C GLN B 163 -1.07 -7.14 -5.16
N VAL B 164 -0.46 -6.69 -6.25
CA VAL B 164 0.95 -6.36 -6.23
C VAL B 164 1.23 -5.19 -5.29
N GLU B 165 0.39 -4.17 -5.34
CA GLU B 165 0.62 -3.02 -4.47
C GLU B 165 0.53 -3.42 -3.01
N GLY B 166 -0.33 -4.39 -2.71
CA GLY B 166 -0.47 -4.90 -1.36
C GLY B 166 0.78 -5.61 -0.89
N SER B 167 1.38 -6.40 -1.77
CA SER B 167 2.64 -7.09 -1.48
C SER B 167 3.75 -6.09 -1.23
N LEU B 168 3.78 -5.04 -2.03
CA LEU B 168 4.81 -4.00 -1.84
C LEU B 168 4.63 -3.29 -0.50
N ASN B 169 3.39 -2.98 -0.13
CA ASN B 169 3.14 -2.32 1.15
C ASN B 169 3.53 -3.20 2.34
N ARG B 170 3.19 -4.48 2.24
CA ARG B 170 3.51 -5.45 3.29
C ARG B 170 5.02 -5.63 3.46
N PHE B 171 5.74 -5.63 2.34
CA PHE B 171 7.21 -5.68 2.31
C PHE B 171 7.77 -4.51 3.11
N VAL B 172 7.30 -3.32 2.78
CA VAL B 172 7.77 -2.11 3.44
C VAL B 172 7.38 -2.04 4.93
N ARG B 173 6.09 -2.27 5.26
CA ARG B 173 5.58 -2.28 6.65
C ARG B 173 6.42 -3.14 7.57
N SER B 174 6.81 -4.30 7.05
CA SER B 174 7.40 -5.34 7.88
C SER B 174 8.91 -5.17 7.94
N ASP B 175 9.39 -4.00 7.52
CA ASP B 175 10.81 -3.75 7.43
C ASP B 175 11.51 -4.84 6.63
N PHE B 176 10.87 -5.23 5.54
CA PHE B 176 11.42 -6.13 4.53
C PHE B 176 11.44 -7.60 4.96
N LYS B 177 10.63 -7.95 5.94
CA LYS B 177 10.52 -9.35 6.37
C LYS B 177 9.58 -10.15 5.46
N TYR B 178 8.43 -9.57 5.12
CA TYR B 178 7.45 -10.21 4.24
C TYR B 178 7.83 -10.03 2.78
N LEU B 179 8.60 -10.98 2.24
CA LEU B 179 9.11 -10.88 0.88
C LEU B 179 7.97 -10.92 -0.13
N PRO B 180 8.00 -10.02 -1.11
CA PRO B 180 6.93 -9.88 -2.11
C PRO B 180 6.70 -11.14 -2.94
N THR B 181 7.74 -11.94 -3.14
CA THR B 181 7.62 -13.12 -4.00
C THR B 181 7.26 -14.38 -3.23
N ALA B 182 7.14 -14.27 -1.91
CA ALA B 182 6.83 -15.43 -1.09
C ALA B 182 5.55 -16.11 -1.54
N ASN B 183 5.64 -17.39 -1.84
CA ASN B 183 4.45 -18.17 -2.19
C ASN B 183 3.74 -17.64 -3.43
N PHE B 184 4.51 -17.10 -4.38
CA PHE B 184 3.93 -16.65 -5.64
C PHE B 184 3.35 -17.81 -6.44
N ASP B 185 4.00 -18.96 -6.40
CA ASP B 185 3.50 -20.14 -7.11
C ASP B 185 2.09 -20.52 -6.64
N GLU B 186 1.88 -20.55 -5.33
CA GLU B 186 0.56 -20.88 -4.80
C GLU B 186 -0.45 -19.81 -5.20
N TYR B 187 -0.07 -18.54 -5.08
CA TYR B 187 -0.93 -17.47 -5.55
C TYR B 187 -1.24 -17.66 -7.03
N TRP B 188 -0.23 -17.96 -7.83
CA TRP B 188 -0.46 -18.12 -9.27
C TRP B 188 -1.39 -19.29 -9.59
N ALA B 189 -1.17 -20.42 -8.92
CA ALA B 189 -2.01 -21.59 -9.13
C ALA B 189 -3.47 -21.26 -8.85
N LEU B 190 -3.72 -20.48 -7.80
CA LEU B 190 -5.08 -20.15 -7.45
C LEU B 190 -5.69 -19.14 -8.43
N LEU B 191 -4.89 -18.17 -8.85
CA LEU B 191 -5.34 -17.15 -9.78
C LEU B 191 -5.65 -17.79 -11.13
N SER B 192 -4.74 -18.63 -11.59
CA SER B 192 -4.92 -19.35 -12.85
C SER B 192 -6.22 -20.16 -12.83
N ALA B 193 -6.46 -20.87 -11.73
CA ALA B 193 -7.70 -21.63 -11.60
C ALA B 193 -8.91 -20.71 -11.68
N GLN B 194 -8.76 -19.47 -11.23
CA GLN B 194 -9.87 -18.52 -11.24
C GLN B 194 -10.21 -17.97 -12.62
N ILE B 195 -9.20 -17.77 -13.46
CA ILE B 195 -9.41 -17.05 -14.72
C ILE B 195 -9.07 -17.83 -16.00
N LYS B 196 -8.31 -18.91 -15.89
CA LYS B 196 -7.91 -19.64 -17.07
C LYS B 196 -9.12 -20.24 -17.80
N ASP D 1 -23.35 -7.93 3.38
CA ASP D 1 -22.54 -6.80 3.81
C ASP D 1 -22.63 -6.60 5.30
N TYR D 2 -21.61 -5.97 5.88
CA TYR D 2 -21.65 -5.57 7.27
C TYR D 2 -22.25 -4.18 7.35
N LEU D 3 -23.44 -4.08 7.92
CA LEU D 3 -24.19 -2.82 7.92
C LEU D 3 -23.59 -1.74 8.83
N ASP D 4 -23.12 -2.13 10.01
CA ASP D 4 -22.68 -1.15 11.01
C ASP D 4 -21.23 -0.75 10.78
N ILE D 5 -21.03 0.20 9.86
CA ILE D 5 -19.69 0.68 9.54
C ILE D 5 -19.50 2.01 10.25
N PRO D 6 -18.56 2.05 11.21
CA PRO D 6 -18.38 3.29 11.97
C PRO D 6 -17.84 4.40 11.10
N ALA D 7 -18.30 5.62 11.35
CA ALA D 7 -17.79 6.79 10.66
C ALA D 7 -17.25 7.73 11.72
N PHE D 8 -15.98 8.12 11.60
CA PHE D 8 -15.41 8.97 12.62
C PHE D 8 -15.88 10.42 12.51
N LEU D 9 -15.78 10.98 11.31
CA LEU D 9 -16.23 12.36 11.10
C LEU D 9 -17.73 12.47 11.03
N ARG D 10 -18.30 13.44 11.75
CA ARG D 10 -19.74 13.64 11.82
C ARG D 10 -20.38 13.92 10.45
N LEU E 3 13.98 -13.36 -17.51
CA LEU E 3 14.58 -12.04 -17.36
C LEU E 3 15.39 -11.90 -16.08
N ASP E 4 16.48 -11.16 -16.17
CA ASP E 4 17.32 -10.89 -15.01
C ASP E 4 16.95 -9.55 -14.41
N ILE E 5 16.40 -9.58 -13.21
CA ILE E 5 15.98 -8.35 -12.54
C ILE E 5 17.20 -7.55 -12.10
N PRO E 6 17.24 -6.26 -12.48
CA PRO E 6 18.36 -5.39 -12.12
C PRO E 6 18.25 -4.89 -10.69
N ALA E 7 19.36 -4.92 -9.95
CA ALA E 7 19.46 -4.31 -8.64
C ALA E 7 20.24 -3.01 -8.80
N PHE E 8 19.63 -1.90 -8.38
CA PHE E 8 20.24 -0.59 -8.54
C PHE E 8 21.52 -0.46 -7.72
N LEU E 9 21.51 -1.06 -6.53
CA LEU E 9 22.68 -1.01 -5.65
C LEU E 9 23.82 -1.85 -6.22
N ARG E 10 24.78 -1.17 -6.84
CA ARG E 10 25.96 -1.84 -7.37
C ARG E 10 26.83 -2.35 -6.24
#